data_6JVM
#
_entry.id   6JVM
#
_cell.length_a   59.097
_cell.length_b   67.702
_cell.length_c   79.872
_cell.angle_alpha   90.000
_cell.angle_beta   90.000
_cell.angle_gamma   90.000
#
_symmetry.space_group_name_H-M   'P 21 21 21'
#
loop_
_entity.id
_entity.type
_entity.pdbx_description
1 polymer '7,8-dihydro-8-oxoguanine triphosphatase'
2 non-polymer N4-cyclopropyl-5-ethyl-6-piperidin-1-yl-pyrimidine-2,4-diamine
3 water water
#
_entity_poly.entity_id   1
_entity_poly.type   'polypeptide(L)'
_entity_poly.pdbx_seq_one_letter_code
;MGASRLYTLVLVLQPQRVLLGMKKRGFGAGRWNGFGGKVQEGETIEDGARRELQEESGLTVDALHKVGQIVFEFVGEPEL
MDVHVFCTDSIQGTPVESDEMRPCWFQLDQIPFKDMWPDDSYWFPLLLQKKKFHGYFKFQGQDTILDYTLREVDTV
;
_entity_poly.pdbx_strand_id   A,B
#
loop_
_chem_comp.id
_chem_comp.type
_chem_comp.name
_chem_comp.formula
CGX non-polymer N4-cyclopropyl-5-ethyl-6-piperidin-1-yl-pyrimidine-2,4-diamine 'C14 H23 N5'
#
# COMPACT_ATOMS: atom_id res chain seq x y z
N ALA A 3 -16.05 11.91 -5.62
CA ALA A 3 -16.93 12.21 -4.49
C ALA A 3 -16.48 11.51 -3.22
N SER A 4 -16.22 12.35 -2.20
CA SER A 4 -15.66 11.98 -0.91
C SER A 4 -16.50 12.61 0.18
N ARG A 5 -16.51 12.00 1.35
CA ARG A 5 -17.04 12.69 2.51
C ARG A 5 -15.96 12.67 3.58
N LEU A 6 -15.79 13.79 4.28
CA LEU A 6 -14.70 13.93 5.23
C LEU A 6 -15.06 13.36 6.59
N TYR A 7 -14.11 12.61 7.17
CA TYR A 7 -14.21 12.08 8.52
C TYR A 7 -12.89 12.28 9.25
N THR A 8 -12.95 12.15 10.57
CA THR A 8 -11.82 12.28 11.48
C THR A 8 -11.71 11.04 12.35
N LEU A 9 -10.49 10.75 12.79
CA LEU A 9 -10.20 9.67 13.72
C LEU A 9 -9.05 10.11 14.60
N VAL A 10 -9.21 9.95 15.91
CA VAL A 10 -8.26 10.45 16.88
C VAL A 10 -7.80 9.30 17.75
N LEU A 11 -6.49 9.08 17.82
CA LEU A 11 -5.88 8.08 18.68
C LEU A 11 -5.05 8.79 19.74
N VAL A 12 -5.40 8.56 21.00
CA VAL A 12 -4.59 9.05 22.11
C VAL A 12 -3.56 7.96 22.40
N LEU A 13 -2.30 8.23 22.05
CA LEU A 13 -1.25 7.24 22.14
C LEU A 13 -0.14 7.79 23.02
N GLN A 14 0.03 7.21 24.19
CA GLN A 14 1.01 7.55 25.17
C GLN A 14 2.06 6.47 25.22
N PRO A 15 3.24 6.75 25.80
CA PRO A 15 4.38 5.80 25.70
C PRO A 15 4.05 4.33 25.88
N GLN A 16 3.15 4.00 26.82
CA GLN A 16 2.86 2.62 27.15
C GLN A 16 1.40 2.24 26.91
N ARG A 17 0.59 3.11 26.32
CA ARG A 17 -0.82 2.74 26.21
C ARG A 17 -1.50 3.55 25.12
N VAL A 18 -2.60 3.03 24.65
CA VAL A 18 -3.43 3.68 23.65
C VAL A 18 -4.88 3.65 24.11
N LEU A 19 -5.58 4.76 23.93
CA LEU A 19 -6.98 4.86 24.31
C LEU A 19 -7.88 4.43 23.14
N LEU A 20 -8.75 3.46 23.40
CA LEU A 20 -9.75 3.11 22.41
C LEU A 20 -11.13 3.19 23.04
N GLY A 21 -12.14 3.31 22.19
CA GLY A 21 -13.52 3.31 22.66
C GLY A 21 -14.31 2.23 21.96
N MET A 22 -15.10 1.47 22.74
CA MET A 22 -16.05 0.50 22.22
C MET A 22 -17.26 1.27 21.73
N LYS A 23 -17.50 1.25 20.42
CA LYS A 23 -18.65 1.96 19.86
C LYS A 23 -19.92 1.23 20.27
N LYS A 24 -20.84 1.94 20.91
CA LYS A 24 -21.97 1.29 21.54
C LYS A 24 -23.21 1.24 20.68
N ARG A 25 -23.30 2.07 19.64
CA ARG A 25 -24.48 2.10 18.78
C ARG A 25 -24.07 2.70 17.44
N GLY A 26 -25.00 2.65 16.48
CA GLY A 26 -24.71 3.28 15.20
C GLY A 26 -23.63 2.53 14.40
N PHE A 27 -23.02 3.29 13.49
CA PHE A 27 -22.02 2.74 12.58
C PHE A 27 -20.75 2.26 13.29
N GLY A 28 -20.34 1.03 12.99
CA GLY A 28 -19.18 0.44 13.64
C GLY A 28 -19.43 -0.09 15.04
N ALA A 29 -20.70 -0.18 15.48
CA ALA A 29 -21.01 -0.70 16.81
C ALA A 29 -20.39 -2.07 17.03
N GLY A 30 -19.85 -2.30 18.23
CA GLY A 30 -19.27 -3.56 18.60
C GLY A 30 -17.79 -3.70 18.32
N ARG A 31 -17.14 -2.63 17.86
CA ARG A 31 -15.71 -2.65 17.60
C ARG A 31 -15.03 -1.53 18.37
N TRP A 32 -13.81 -1.82 18.84
CA TRP A 32 -12.93 -0.78 19.36
C TRP A 32 -12.41 0.08 18.21
N ASN A 33 -12.27 1.38 18.46
CA ASN A 33 -11.75 2.31 17.47
C ASN A 33 -11.27 3.57 18.19
N GLY A 34 -10.58 4.43 17.47
CA GLY A 34 -10.31 5.77 17.96
C GLY A 34 -11.60 6.57 17.97
N PHE A 35 -11.53 7.82 18.38
CA PHE A 35 -12.74 8.64 18.46
C PHE A 35 -12.84 9.51 17.21
N GLY A 36 -14.06 9.79 16.76
CA GLY A 36 -14.15 10.63 15.57
C GLY A 36 -15.51 10.52 14.93
N GLY A 37 -15.53 10.87 13.65
CA GLY A 37 -16.81 10.90 12.93
C GLY A 37 -16.79 11.88 11.78
N LYS A 38 -17.99 12.26 11.34
CA LYS A 38 -18.16 13.15 10.20
C LYS A 38 -17.70 14.56 10.53
N VAL A 39 -17.09 15.20 9.55
CA VAL A 39 -16.79 16.62 9.66
C VAL A 39 -18.00 17.39 9.18
N GLN A 40 -18.42 18.38 9.96
CA GLN A 40 -19.59 19.18 9.65
C GLN A 40 -19.23 20.38 8.78
N GLU A 41 -20.24 20.90 8.09
CA GLU A 41 -20.09 22.18 7.42
C GLU A 41 -19.78 23.27 8.45
N GLY A 42 -18.82 24.12 8.11
CA GLY A 42 -18.51 25.26 8.95
C GLY A 42 -17.46 25.03 10.00
N GLU A 43 -16.87 23.83 10.08
CA GLU A 43 -15.75 23.55 10.98
C GLU A 43 -14.60 22.95 10.17
N THR A 44 -13.37 23.25 10.58
CA THR A 44 -12.24 22.58 9.95
C THR A 44 -12.23 21.09 10.32
N ILE A 45 -11.39 20.34 9.61
CA ILE A 45 -11.25 18.92 9.93
C ILE A 45 -10.76 18.74 11.36
N GLU A 46 -9.76 19.53 11.76
CA GLU A 46 -9.24 19.42 13.11
C GLU A 46 -10.27 19.88 14.14
N ASP A 47 -11.05 20.92 13.80
CA ASP A 47 -12.21 21.26 14.64
C ASP A 47 -13.13 20.06 14.83
N GLY A 48 -13.43 19.35 13.73
CA GLY A 48 -14.31 18.20 13.85
C GLY A 48 -13.73 17.11 14.72
N ALA A 49 -12.41 16.88 14.58
CA ALA A 49 -11.76 15.86 15.40
C ALA A 49 -11.88 16.21 16.88
N ARG A 50 -11.56 17.48 17.23
CA ARG A 50 -11.68 17.90 18.62
C ARG A 50 -13.11 17.77 19.13
N ARG A 51 -14.07 18.20 18.32
CA ARG A 51 -15.48 18.12 18.70
C ARG A 51 -15.90 16.68 18.99
N GLU A 52 -15.61 15.77 18.06
CA GLU A 52 -15.95 14.36 18.24
C GLU A 52 -15.27 13.77 19.46
N LEU A 53 -14.00 14.11 19.70
CA LEU A 53 -13.31 13.60 20.86
C LEU A 53 -14.02 14.04 22.14
N GLN A 54 -14.37 15.34 22.23
CA GLN A 54 -15.06 15.84 23.40
C GLN A 54 -16.43 15.18 23.57
N GLU A 55 -17.19 15.05 22.48
CA GLU A 55 -18.52 14.45 22.52
C GLU A 55 -18.49 12.99 22.96
N GLU A 56 -17.46 12.26 22.52
CA GLU A 56 -17.40 10.81 22.70
C GLU A 56 -16.62 10.38 23.95
N SER A 57 -15.77 11.23 24.48
CA SER A 57 -14.94 10.89 25.63
C SER A 57 -14.88 11.96 26.71
N GLY A 58 -15.36 13.18 26.46
CA GLY A 58 -15.17 14.31 27.34
C GLY A 58 -13.80 14.96 27.26
N LEU A 59 -12.86 14.39 26.52
CA LEU A 59 -11.49 14.86 26.50
C LEU A 59 -11.32 16.06 25.57
N THR A 60 -10.46 16.97 25.98
CA THR A 60 -9.94 18.00 25.09
C THR A 60 -8.44 17.85 25.03
N VAL A 61 -7.83 18.45 24.02
CA VAL A 61 -6.40 18.28 23.81
C VAL A 61 -5.79 19.63 23.49
N ASP A 62 -4.49 19.72 23.72
CA ASP A 62 -3.83 20.96 23.39
C ASP A 62 -3.41 20.98 21.93
N ALA A 63 -2.81 19.89 21.46
CA ALA A 63 -2.40 19.80 20.06
C ALA A 63 -2.77 18.43 19.51
N LEU A 64 -3.38 18.43 18.34
CA LEU A 64 -3.56 17.23 17.53
C LEU A 64 -2.50 17.21 16.43
N HIS A 65 -1.99 16.02 16.12
CA HIS A 65 -0.97 15.88 15.09
C HIS A 65 -1.53 14.99 13.97
N LYS A 66 -1.51 15.53 12.75
CA LYS A 66 -1.85 14.77 11.55
C LYS A 66 -0.90 13.60 11.38
N VAL A 67 -1.39 12.36 11.47
CA VAL A 67 -0.53 11.21 11.27
C VAL A 67 -0.93 10.37 10.05
N GLY A 68 -2.15 10.48 9.53
CA GLY A 68 -2.46 9.65 8.37
C GLY A 68 -3.71 10.09 7.64
N GLN A 69 -3.88 9.54 6.45
CA GLN A 69 -5.12 9.68 5.71
C GLN A 69 -5.46 8.32 5.10
N ILE A 70 -6.69 7.88 5.29
CA ILE A 70 -7.13 6.62 4.72
C ILE A 70 -8.41 6.86 3.95
N VAL A 71 -8.43 6.47 2.69
CA VAL A 71 -9.63 6.51 1.86
C VAL A 71 -10.22 5.12 1.83
N PHE A 72 -11.53 5.03 2.02
CA PHE A 72 -12.28 3.78 2.00
C PHE A 72 -13.34 3.81 0.92
N GLU A 73 -13.43 2.75 0.14
CA GLU A 73 -14.57 2.49 -0.71
C GLU A 73 -15.33 1.33 -0.11
N PHE A 74 -16.64 1.49 0.00
CA PHE A 74 -17.53 0.36 0.28
C PHE A 74 -18.29 0.07 -1.02
N VAL A 75 -18.28 -1.21 -1.44
CA VAL A 75 -18.96 -1.56 -2.70
C VAL A 75 -20.40 -1.10 -2.63
N GLY A 76 -20.86 -0.46 -3.70
CA GLY A 76 -22.22 0.01 -3.80
C GLY A 76 -22.50 1.32 -3.10
N GLU A 77 -21.55 1.88 -2.41
CA GLU A 77 -21.79 3.16 -1.75
C GLU A 77 -21.17 4.28 -2.57
N PRO A 78 -21.93 5.32 -2.95
CA PRO A 78 -21.38 6.29 -3.91
C PRO A 78 -20.25 7.14 -3.37
N GLU A 79 -20.25 7.49 -2.08
CA GLU A 79 -19.25 8.38 -1.52
C GLU A 79 -18.08 7.61 -0.92
N LEU A 80 -16.87 8.00 -1.31
CA LEU A 80 -15.69 7.49 -0.64
C LEU A 80 -15.62 8.13 0.74
N MET A 81 -15.02 7.41 1.69
CA MET A 81 -14.79 7.96 3.03
C MET A 81 -13.33 8.39 3.12
N ASP A 82 -13.13 9.69 3.32
CA ASP A 82 -11.80 10.29 3.40
C ASP A 82 -11.52 10.55 4.88
N VAL A 83 -10.88 9.59 5.55
CA VAL A 83 -10.69 9.66 6.99
C VAL A 83 -9.32 10.27 7.30
N HIS A 84 -9.33 11.38 8.05
CA HIS A 84 -8.10 12.04 8.47
C HIS A 84 -7.77 11.58 9.89
N VAL A 85 -6.61 10.95 10.04
CA VAL A 85 -6.20 10.34 11.29
C VAL A 85 -5.25 11.29 11.99
N PHE A 86 -5.55 11.55 13.27
CA PHE A 86 -4.80 12.42 14.15
C PHE A 86 -4.34 11.61 15.35
N CYS A 87 -3.25 12.04 15.93
CA CYS A 87 -2.82 11.41 17.16
C CYS A 87 -2.45 12.51 18.14
N THR A 88 -2.50 12.15 19.42
CA THR A 88 -2.05 13.05 20.47
C THR A 88 -1.50 12.21 21.60
N ASP A 89 -0.55 12.78 22.33
CA ASP A 89 -0.04 12.10 23.52
C ASP A 89 -0.65 12.75 24.76
N SER A 90 -0.33 14.02 25.01
CA SER A 90 -1.00 14.82 26.03
C SER A 90 -2.51 14.92 25.81
N ILE A 91 -3.29 14.66 26.87
CA ILE A 91 -4.72 14.96 26.88
C ILE A 91 -5.04 15.84 28.09
N GLN A 92 -6.24 16.45 28.04
CA GLN A 92 -6.80 17.20 29.16
C GLN A 92 -8.06 16.49 29.65
N GLY A 93 -7.98 15.88 30.82
CA GLY A 93 -9.11 15.23 31.45
C GLY A 93 -8.94 13.73 31.56
N THR A 94 -9.94 13.11 32.18
CA THR A 94 -10.02 11.67 32.28
C THR A 94 -11.10 11.19 31.32
N PRO A 95 -10.84 10.21 30.46
CA PRO A 95 -11.90 9.76 29.53
C PRO A 95 -13.08 9.17 30.30
N VAL A 96 -14.28 9.51 29.85
CA VAL A 96 -15.51 9.01 30.43
C VAL A 96 -16.42 8.49 29.33
N GLU A 97 -17.29 7.56 29.70
CA GLU A 97 -18.20 6.94 28.76
C GLU A 97 -19.21 7.95 28.24
N SER A 98 -19.57 7.80 26.97
CA SER A 98 -20.61 8.59 26.34
C SER A 98 -21.70 7.64 25.85
N ASP A 99 -22.77 8.23 25.28
CA ASP A 99 -23.76 7.42 24.57
C ASP A 99 -23.12 6.63 23.43
N GLU A 100 -22.05 7.15 22.84
CA GLU A 100 -21.46 6.49 21.68
C GLU A 100 -20.28 5.59 22.02
N MET A 101 -19.53 5.87 23.08
CA MET A 101 -18.22 5.23 23.23
C MET A 101 -17.95 4.84 24.68
N ARG A 102 -17.40 3.64 24.87
CA ARG A 102 -16.93 3.18 26.18
C ARG A 102 -15.41 3.11 26.17
N PRO A 103 -14.72 4.06 26.81
CA PRO A 103 -13.26 4.15 26.67
C PRO A 103 -12.49 3.24 27.63
N CYS A 104 -11.36 2.75 27.13
CA CYS A 104 -10.42 1.95 27.88
C CYS A 104 -9.00 2.15 27.38
N TRP A 105 -8.05 1.98 28.31
CA TRP A 105 -6.63 2.01 27.98
C TRP A 105 -6.16 0.60 27.63
N PHE A 106 -5.32 0.51 26.60
CA PHE A 106 -4.74 -0.77 26.19
C PHE A 106 -3.22 -0.68 26.16
N GLN A 107 -2.55 -1.68 26.72
CA GLN A 107 -1.11 -1.75 26.51
C GLN A 107 -0.82 -2.00 25.04
N LEU A 108 0.34 -1.52 24.60
CA LEU A 108 0.64 -1.45 23.17
C LEU A 108 0.80 -2.84 22.54
N ASP A 109 1.08 -3.87 23.32
CA ASP A 109 1.11 -5.24 22.80
C ASP A 109 -0.19 -5.99 23.03
N GLN A 110 -1.26 -5.28 23.38
CA GLN A 110 -2.54 -5.92 23.65
C GLN A 110 -3.65 -5.18 22.91
N ILE A 111 -3.34 -4.64 21.75
CA ILE A 111 -4.34 -4.03 20.88
C ILE A 111 -5.35 -5.08 20.41
N PRO A 112 -6.65 -4.89 20.63
CA PRO A 112 -7.63 -5.96 20.30
C PRO A 112 -7.99 -5.97 18.82
N PHE A 113 -7.02 -6.37 17.98
CA PHE A 113 -7.19 -6.30 16.53
C PHE A 113 -8.40 -7.08 16.05
N LYS A 114 -8.71 -8.21 16.68
CA LYS A 114 -9.81 -9.01 16.16
C LYS A 114 -11.17 -8.37 16.41
N ASP A 115 -11.25 -7.42 17.34
CA ASP A 115 -12.48 -6.67 17.60
C ASP A 115 -12.37 -5.21 17.14
N MET A 116 -11.52 -4.95 16.16
CA MET A 116 -11.36 -3.65 15.50
C MET A 116 -11.67 -3.78 14.01
N TRP A 117 -11.84 -2.64 13.34
CA TRP A 117 -12.00 -2.67 11.89
C TRP A 117 -10.85 -3.46 11.28
N PRO A 118 -11.11 -4.30 10.25
CA PRO A 118 -10.04 -5.16 9.71
C PRO A 118 -8.85 -4.38 9.20
N ASP A 119 -9.06 -3.15 8.71
CA ASP A 119 -7.93 -2.37 8.18
C ASP A 119 -6.94 -1.96 9.27
N ASP A 120 -7.36 -1.92 10.53
CA ASP A 120 -6.48 -1.41 11.58
C ASP A 120 -5.21 -2.25 11.67
N SER A 121 -5.38 -3.58 11.57
CA SER A 121 -4.27 -4.53 11.51
C SER A 121 -3.19 -4.11 10.56
N TYR A 122 -3.55 -3.45 9.48
CA TYR A 122 -2.57 -3.06 8.48
C TYR A 122 -1.90 -1.74 8.80
N TRP A 123 -2.65 -0.73 9.27
CA TRP A 123 -2.04 0.59 9.36
C TRP A 123 -1.68 1.00 10.77
N PHE A 124 -2.28 0.36 11.78
CA PHE A 124 -1.95 0.69 13.17
C PHE A 124 -0.47 0.55 13.51
N PRO A 125 0.28 -0.45 13.02
CA PRO A 125 1.72 -0.48 13.31
C PRO A 125 2.47 0.77 12.88
N LEU A 126 2.18 1.30 11.69
CA LEU A 126 2.80 2.54 11.26
C LEU A 126 2.46 3.68 12.23
N LEU A 127 1.20 3.72 12.66
CA LEU A 127 0.82 4.66 13.72
C LEU A 127 1.70 4.43 14.95
N LEU A 128 1.84 3.18 15.36
CA LEU A 128 2.58 2.90 16.60
C LEU A 128 4.04 3.25 16.43
N GLN A 129 4.58 3.09 15.22
CA GLN A 129 5.96 3.47 14.92
C GLN A 129 6.10 4.94 14.60
N LYS A 130 5.02 5.72 14.77
CA LYS A 130 5.04 7.16 14.60
C LYS A 130 5.45 7.57 13.18
N LYS A 131 5.12 6.74 12.19
CA LYS A 131 5.30 7.10 10.79
C LYS A 131 4.01 7.66 10.23
N LYS A 132 4.11 8.62 9.32
CA LYS A 132 2.96 9.18 8.63
C LYS A 132 2.64 8.33 7.40
N PHE A 133 1.35 8.17 7.09
CA PHE A 133 0.97 7.19 6.07
C PHE A 133 -0.26 7.63 5.29
N HIS A 134 -0.35 7.10 4.07
CA HIS A 134 -1.53 7.18 3.22
C HIS A 134 -2.03 5.75 2.97
N GLY A 135 -3.32 5.54 3.25
CA GLY A 135 -3.93 4.25 3.03
C GLY A 135 -5.16 4.32 2.14
N TYR A 136 -5.49 3.18 1.53
CA TYR A 136 -6.72 3.00 0.75
C TYR A 136 -7.22 1.59 0.98
N PHE A 137 -8.49 1.44 1.31
CA PHE A 137 -9.08 0.12 1.52
C PHE A 137 -10.42 0.06 0.84
N LYS A 138 -10.62 -1.00 0.05
CA LYS A 138 -11.89 -1.32 -0.56
C LYS A 138 -12.57 -2.44 0.22
N PHE A 139 -13.78 -2.16 0.73
CA PHE A 139 -14.53 -3.13 1.51
C PHE A 139 -15.74 -3.64 0.73
N GLN A 140 -16.10 -4.90 0.97
CA GLN A 140 -17.43 -5.39 0.66
C GLN A 140 -18.09 -5.66 2.01
N GLY A 141 -19.13 -4.91 2.34
CA GLY A 141 -19.59 -5.03 3.70
C GLY A 141 -18.55 -4.46 4.67
N GLN A 142 -18.64 -4.92 5.92
CA GLN A 142 -17.81 -4.36 6.98
C GLN A 142 -16.67 -5.27 7.40
N ASP A 143 -16.54 -6.47 6.80
CA ASP A 143 -15.54 -7.43 7.24
C ASP A 143 -14.54 -7.84 6.17
N THR A 144 -14.81 -7.57 4.92
CA THR A 144 -14.01 -8.13 3.83
C THR A 144 -13.31 -7.00 3.11
N ILE A 145 -11.98 -6.97 3.23
CA ILE A 145 -11.14 -6.07 2.45
C ILE A 145 -10.83 -6.76 1.13
N LEU A 146 -11.23 -6.13 0.02
CA LEU A 146 -11.00 -6.71 -1.30
C LEU A 146 -9.68 -6.22 -1.89
N ASP A 147 -9.37 -4.94 -1.71
CA ASP A 147 -8.12 -4.37 -2.15
C ASP A 147 -7.63 -3.35 -1.13
N TYR A 148 -6.32 -3.11 -1.15
CA TYR A 148 -5.78 -2.06 -0.31
C TYR A 148 -4.41 -1.66 -0.82
N THR A 149 -4.08 -0.41 -0.54
CA THR A 149 -2.75 0.12 -0.70
C THR A 149 -2.36 0.85 0.57
N LEU A 150 -1.08 0.88 0.86
CA LEU A 150 -0.59 1.53 2.08
C LEU A 150 0.86 1.95 1.86
N ARG A 151 1.15 3.23 2.11
CA ARG A 151 2.51 3.73 1.98
C ARG A 151 2.79 4.74 3.10
N GLU A 152 4.06 4.82 3.52
CA GLU A 152 4.48 5.96 4.34
C GLU A 152 4.70 7.19 3.46
N VAL A 153 4.29 8.35 3.97
CA VAL A 153 4.39 9.62 3.27
C VAL A 153 5.13 10.61 4.17
N ASP A 154 5.53 11.74 3.58
CA ASP A 154 6.18 12.77 4.38
C ASP A 154 5.27 13.91 4.77
N THR A 155 4.34 14.32 3.90
CA THR A 155 3.25 15.21 4.31
C THR A 155 1.98 14.39 4.27
N VAL A 156 1.20 14.45 5.35
CA VAL A 156 -0.09 13.76 5.40
C VAL A 156 -1.12 14.46 4.52
N GLY B 2 0.40 -20.59 -1.61
CA GLY B 2 0.23 -21.36 -2.82
C GLY B 2 1.53 -21.67 -3.55
N ALA B 3 1.52 -22.76 -4.32
CA ALA B 3 2.65 -23.12 -5.17
C ALA B 3 2.98 -21.98 -6.13
N SER B 4 4.22 -21.50 -6.07
CA SER B 4 4.65 -20.36 -6.86
C SER B 4 5.96 -20.68 -7.55
N ARG B 5 6.21 -19.98 -8.66
CA ARG B 5 7.41 -20.09 -9.45
C ARG B 5 8.11 -18.74 -9.50
N LEU B 6 9.44 -18.74 -9.44
CA LEU B 6 10.20 -17.51 -9.29
C LEU B 6 10.52 -16.86 -10.64
N TYR B 7 10.35 -15.55 -10.69
CA TYR B 7 10.73 -14.75 -11.85
C TYR B 7 11.45 -13.50 -11.38
N THR B 8 12.15 -12.87 -12.32
CA THR B 8 12.86 -11.63 -12.09
C THR B 8 12.35 -10.58 -13.07
N LEU B 9 12.45 -9.33 -12.62
CA LEU B 9 12.13 -8.16 -13.40
C LEU B 9 13.10 -7.07 -13.00
N VAL B 10 13.76 -6.49 -14.00
CA VAL B 10 14.88 -5.59 -13.81
C VAL B 10 14.56 -4.31 -14.54
N LEU B 11 14.57 -3.19 -13.82
CA LEU B 11 14.35 -1.87 -14.39
C LEU B 11 15.63 -1.05 -14.27
N VAL B 12 16.15 -0.61 -15.41
CA VAL B 12 17.26 0.31 -15.46
C VAL B 12 16.65 1.70 -15.40
N LEU B 13 16.86 2.39 -14.29
CA LEU B 13 16.18 3.63 -14.02
C LEU B 13 17.14 4.78 -13.82
N VAL B 18 14.26 5.80 -18.17
CA VAL B 18 14.03 4.41 -17.81
C VAL B 18 14.13 3.53 -19.05
N LEU B 19 14.84 2.41 -18.94
CA LEU B 19 14.98 1.47 -20.05
C LEU B 19 13.90 0.40 -19.98
N LEU B 20 13.18 0.23 -21.07
CA LEU B 20 12.22 -0.86 -21.19
C LEU B 20 12.53 -1.64 -22.46
N GLY B 21 12.00 -2.83 -22.56
CA GLY B 21 12.13 -3.63 -23.76
C GLY B 21 10.77 -4.04 -24.28
N MET B 22 10.61 -3.92 -25.59
CA MET B 22 9.44 -4.45 -26.28
C MET B 22 9.66 -5.94 -26.49
N LYS B 23 8.83 -6.76 -25.84
CA LYS B 23 8.93 -8.22 -25.97
C LYS B 23 8.42 -8.66 -27.33
N LYS B 24 9.25 -9.37 -28.09
CA LYS B 24 8.96 -9.67 -29.48
C LYS B 24 8.29 -11.02 -29.71
N ARG B 25 8.32 -11.93 -28.73
CA ARG B 25 7.65 -13.21 -28.87
C ARG B 25 7.33 -13.77 -27.49
N GLY B 26 6.52 -14.83 -27.48
CA GLY B 26 6.15 -15.52 -26.27
C GLY B 26 5.18 -14.77 -25.38
N PHE B 27 5.21 -15.14 -24.10
CA PHE B 27 4.27 -14.60 -23.13
C PHE B 27 4.47 -13.09 -22.97
N GLY B 28 3.39 -12.33 -23.05
CA GLY B 28 3.51 -10.90 -22.95
C GLY B 28 4.03 -10.20 -24.20
N ALA B 29 4.05 -10.91 -25.33
CA ALA B 29 4.49 -10.30 -26.58
C ALA B 29 3.64 -9.07 -26.89
N GLY B 30 4.30 -8.02 -27.38
CA GLY B 30 3.60 -6.81 -27.76
C GLY B 30 3.51 -5.77 -26.67
N ARG B 31 4.14 -5.98 -25.53
CA ARG B 31 4.12 -5.02 -24.43
C ARG B 31 5.53 -4.63 -24.03
N TRP B 32 5.69 -3.36 -23.66
CA TRP B 32 6.92 -2.91 -23.03
C TRP B 32 6.99 -3.41 -21.61
N ASN B 33 8.19 -3.79 -21.18
CA ASN B 33 8.43 -4.26 -19.83
C ASN B 33 9.91 -4.12 -19.51
N GLY B 34 10.23 -4.30 -18.24
CA GLY B 34 11.61 -4.46 -17.85
C GLY B 34 12.11 -5.80 -18.32
N PHE B 35 13.37 -6.06 -18.01
CA PHE B 35 13.97 -7.30 -18.49
C PHE B 35 13.88 -8.37 -17.42
N GLY B 36 13.79 -9.62 -17.82
CA GLY B 36 13.75 -10.66 -16.81
C GLY B 36 13.19 -11.94 -17.35
N GLY B 37 12.71 -12.77 -16.43
CA GLY B 37 12.24 -14.07 -16.82
C GLY B 37 12.37 -15.06 -15.68
N LYS B 38 12.35 -16.34 -16.06
CA LYS B 38 12.35 -17.44 -15.10
C LYS B 38 13.70 -17.56 -14.40
N VAL B 39 13.65 -17.89 -13.11
CA VAL B 39 14.85 -18.21 -12.36
C VAL B 39 15.16 -19.70 -12.51
N GLN B 40 16.41 -20.01 -12.81
CA GLN B 40 16.80 -21.40 -13.02
C GLN B 40 17.23 -22.04 -11.71
N GLU B 41 17.12 -23.37 -11.65
CA GLU B 41 17.71 -24.14 -10.57
C GLU B 41 19.22 -23.97 -10.58
N GLY B 42 19.80 -23.72 -9.41
CA GLY B 42 21.24 -23.58 -9.29
C GLY B 42 21.79 -22.17 -9.41
N GLU B 43 20.95 -21.15 -9.57
CA GLU B 43 21.40 -19.76 -9.56
C GLU B 43 20.62 -18.97 -8.51
N THR B 44 21.25 -17.96 -7.92
CA THR B 44 20.45 -17.10 -7.04
C THR B 44 19.44 -16.31 -7.88
N ILE B 45 18.48 -15.72 -7.18
CA ILE B 45 17.49 -14.86 -7.84
C ILE B 45 18.17 -13.69 -8.53
N GLU B 46 19.09 -13.04 -7.83
CA GLU B 46 19.79 -11.91 -8.43
C GLU B 46 20.68 -12.36 -9.60
N ASP B 47 21.35 -13.51 -9.46
CA ASP B 47 22.11 -14.05 -10.58
C ASP B 47 21.22 -14.21 -11.80
N GLY B 48 20.02 -14.76 -11.60
CA GLY B 48 19.11 -14.94 -12.71
C GLY B 48 18.71 -13.61 -13.33
N ALA B 49 18.48 -12.60 -12.49
CA ALA B 49 18.13 -11.28 -13.00
C ALA B 49 19.24 -10.74 -13.90
N ARG B 50 20.48 -10.83 -13.42
CA ARG B 50 21.62 -10.37 -14.22
C ARG B 50 21.73 -11.16 -15.52
N ARG B 51 21.53 -12.48 -15.43
CA ARG B 51 21.62 -13.34 -16.60
C ARG B 51 20.63 -12.88 -17.66
N GLU B 52 19.36 -12.73 -17.26
CA GLU B 52 18.34 -12.27 -18.20
C GLU B 52 18.64 -10.86 -18.73
N LEU B 53 19.16 -9.96 -17.90
CA LEU B 53 19.46 -8.60 -18.37
C LEU B 53 20.53 -8.58 -19.45
N GLN B 54 21.65 -9.27 -19.20
CA GLN B 54 22.68 -9.39 -20.23
C GLN B 54 22.13 -10.09 -21.45
N GLU B 55 21.40 -11.16 -21.22
CA GLU B 55 20.90 -12.01 -22.30
C GLU B 55 19.86 -11.28 -23.18
N GLU B 56 19.03 -10.39 -22.60
CA GLU B 56 17.99 -9.67 -23.36
C GLU B 56 18.39 -8.27 -23.79
N SER B 57 19.42 -7.66 -23.20
CA SER B 57 19.83 -6.29 -23.50
C SER B 57 21.33 -6.14 -23.82
N GLY B 58 22.14 -7.17 -23.55
CA GLY B 58 23.57 -7.10 -23.62
C GLY B 58 24.22 -6.45 -22.43
N LEU B 59 23.44 -5.87 -21.52
CA LEU B 59 23.98 -5.05 -20.43
C LEU B 59 24.47 -5.90 -19.27
N THR B 60 25.55 -5.46 -18.64
CA THR B 60 25.97 -5.98 -17.35
C THR B 60 26.02 -4.80 -16.40
N VAL B 61 25.92 -5.08 -15.10
CA VAL B 61 25.80 -4.04 -14.10
C VAL B 61 26.69 -4.39 -12.92
N ASP B 62 27.01 -3.37 -12.13
CA ASP B 62 27.83 -3.61 -10.96
C ASP B 62 26.98 -4.03 -9.75
N ALA B 63 25.86 -3.35 -9.53
CA ALA B 63 24.96 -3.67 -8.43
C ALA B 63 23.52 -3.64 -8.89
N LEU B 64 22.76 -4.66 -8.49
CA LEU B 64 21.31 -4.66 -8.53
C LEU B 64 20.79 -4.43 -7.12
N HIS B 65 19.70 -3.68 -7.00
CA HIS B 65 19.08 -3.37 -5.71
C HIS B 65 17.70 -4.01 -5.71
N LYS B 66 17.40 -4.88 -4.73
CA LYS B 66 16.04 -5.43 -4.64
C LYS B 66 15.09 -4.28 -4.33
N VAL B 67 14.13 -4.01 -5.20
CA VAL B 67 13.12 -3.00 -4.89
C VAL B 67 11.73 -3.59 -4.65
N GLY B 68 11.46 -4.82 -5.08
CA GLY B 68 10.09 -5.25 -4.85
C GLY B 68 9.88 -6.73 -5.01
N GLN B 69 8.70 -7.16 -4.56
CA GLN B 69 8.19 -8.50 -4.84
C GLN B 69 6.72 -8.34 -5.20
N ILE B 70 6.31 -8.92 -6.32
CA ILE B 70 4.92 -8.90 -6.73
C ILE B 70 4.51 -10.32 -7.06
N VAL B 71 3.42 -10.78 -6.45
CA VAL B 71 2.85 -12.08 -6.79
C VAL B 71 1.68 -11.86 -7.73
N PHE B 72 1.63 -12.64 -8.79
CA PHE B 72 0.53 -12.56 -9.74
C PHE B 72 -0.19 -13.91 -9.72
N GLU B 73 -1.50 -13.86 -9.56
CA GLU B 73 -2.34 -15.03 -9.68
C GLU B 73 -3.15 -14.82 -10.94
N PHE B 74 -3.17 -15.82 -11.82
CA PHE B 74 -4.02 -15.82 -12.99
C PHE B 74 -5.14 -16.84 -12.83
N VAL B 75 -6.38 -16.39 -13.05
CA VAL B 75 -7.55 -17.27 -12.97
C VAL B 75 -7.36 -18.47 -13.87
N GLY B 76 -7.64 -19.66 -13.35
CA GLY B 76 -7.51 -20.89 -14.09
C GLY B 76 -6.11 -21.47 -14.13
N GLU B 77 -5.11 -20.76 -13.60
CA GLU B 77 -3.75 -21.29 -13.52
C GLU B 77 -3.38 -21.56 -12.07
N PRO B 78 -3.02 -22.80 -11.70
CA PRO B 78 -2.78 -23.06 -10.27
C PRO B 78 -1.49 -22.44 -9.73
N GLU B 79 -0.45 -22.26 -10.54
CA GLU B 79 0.81 -21.76 -10.01
C GLU B 79 0.91 -20.24 -10.07
N LEU B 80 1.22 -19.63 -8.94
CA LEU B 80 1.46 -18.20 -8.83
C LEU B 80 2.80 -17.82 -9.42
N MET B 81 2.89 -16.58 -9.92
CA MET B 81 4.14 -16.03 -10.39
C MET B 81 4.71 -15.14 -9.29
N ASP B 82 5.91 -15.47 -8.81
CA ASP B 82 6.56 -14.73 -7.72
C ASP B 82 7.68 -13.88 -8.34
N VAL B 83 7.38 -12.63 -8.65
CA VAL B 83 8.28 -11.76 -9.40
C VAL B 83 9.11 -10.91 -8.44
N HIS B 84 10.43 -11.08 -8.49
CA HIS B 84 11.36 -10.28 -7.72
C HIS B 84 11.88 -9.15 -8.61
N VAL B 85 11.62 -7.92 -8.18
CA VAL B 85 11.88 -6.72 -8.97
C VAL B 85 13.16 -6.08 -8.46
N PHE B 86 14.05 -5.76 -9.40
CA PHE B 86 15.34 -5.15 -9.13
C PHE B 86 15.48 -3.84 -9.90
N CYS B 87 16.31 -2.97 -9.37
CA CYS B 87 16.53 -1.70 -10.02
C CYS B 87 18.01 -1.42 -10.11
N THR B 88 18.43 -0.72 -11.17
CA THR B 88 19.81 -0.33 -11.34
C THR B 88 19.88 1.02 -12.04
N ASP B 89 20.87 1.82 -11.63
CA ASP B 89 21.14 3.12 -12.24
C ASP B 89 22.44 3.08 -13.06
N SER B 90 23.58 2.99 -12.39
CA SER B 90 24.84 2.72 -13.09
C SER B 90 24.76 1.39 -13.85
N ILE B 91 25.08 1.44 -15.14
CA ILE B 91 25.23 0.23 -15.95
C ILE B 91 26.64 0.21 -16.57
N GLN B 92 27.00 -0.95 -17.10
CA GLN B 92 28.24 -1.13 -17.87
C GLN B 92 27.85 -1.53 -19.29
N GLY B 93 28.02 -0.61 -20.23
CA GLY B 93 27.80 -0.89 -21.63
C GLY B 93 26.65 -0.08 -22.23
N THR B 94 26.42 -0.34 -23.52
CA THR B 94 25.34 0.21 -24.32
C THR B 94 24.30 -0.86 -24.59
N PRO B 95 23.02 -0.62 -24.33
CA PRO B 95 21.99 -1.63 -24.61
C PRO B 95 21.86 -1.90 -26.12
N VAL B 96 21.73 -3.17 -26.48
CA VAL B 96 21.55 -3.57 -27.87
C VAL B 96 20.40 -4.57 -27.96
N GLU B 97 19.79 -4.63 -29.15
CA GLU B 97 18.66 -5.53 -29.34
C GLU B 97 19.09 -6.99 -29.25
N SER B 98 18.22 -7.81 -28.68
CA SER B 98 18.36 -9.25 -28.54
C SER B 98 17.22 -9.97 -29.28
N ASP B 99 17.28 -11.31 -29.26
CA ASP B 99 16.20 -12.14 -29.80
C ASP B 99 14.86 -11.90 -29.10
N GLU B 100 14.91 -11.59 -27.80
CA GLU B 100 13.72 -11.52 -26.96
C GLU B 100 13.24 -10.12 -26.66
N MET B 101 14.08 -9.10 -26.78
CA MET B 101 13.69 -7.76 -26.37
C MET B 101 14.24 -6.75 -27.34
N ARG B 102 13.42 -5.77 -27.67
CA ARG B 102 13.83 -4.62 -28.46
C ARG B 102 13.89 -3.47 -27.48
N PRO B 103 15.05 -3.09 -26.98
CA PRO B 103 15.11 -2.14 -25.88
C PRO B 103 15.02 -0.69 -26.37
N CYS B 104 14.40 0.14 -25.53
CA CYS B 104 14.38 1.57 -25.79
C CYS B 104 14.29 2.33 -24.48
N TRP B 105 14.86 3.54 -24.51
CA TRP B 105 14.79 4.45 -23.40
C TRP B 105 13.51 5.27 -23.52
N PHE B 106 12.86 5.48 -22.39
CA PHE B 106 11.68 6.33 -22.29
C PHE B 106 11.98 7.34 -21.20
N GLN B 107 11.74 8.62 -21.48
CA GLN B 107 11.84 9.58 -20.40
C GLN B 107 10.69 9.39 -19.41
N LEU B 108 10.95 9.77 -18.18
CA LEU B 108 10.05 9.39 -17.09
C LEU B 108 8.64 9.97 -17.27
N ASP B 109 8.46 11.02 -18.06
CA ASP B 109 7.14 11.59 -18.29
C ASP B 109 6.43 11.00 -19.48
N GLN B 110 6.96 9.90 -20.07
CA GLN B 110 6.35 9.24 -21.22
C GLN B 110 6.42 7.73 -21.09
N ILE B 111 6.33 7.21 -19.87
CA ILE B 111 6.26 5.77 -19.67
C ILE B 111 5.03 5.24 -20.38
N PRO B 112 5.17 4.28 -21.28
CA PRO B 112 4.05 3.84 -22.15
C PRO B 112 3.08 2.88 -21.47
N PHE B 113 2.33 3.41 -20.50
CA PHE B 113 1.46 2.56 -19.70
C PHE B 113 0.38 1.83 -20.51
N LYS B 114 -0.14 2.38 -21.66
CA LYS B 114 -1.22 1.55 -22.22
C LYS B 114 -0.63 0.33 -22.82
N ASP B 115 0.67 0.36 -23.12
CA ASP B 115 1.38 -0.74 -23.76
C ASP B 115 2.28 -1.50 -22.79
N MET B 116 1.94 -1.45 -21.51
CA MET B 116 2.60 -2.22 -20.48
C MET B 116 1.57 -3.07 -19.77
N TRP B 117 2.04 -4.06 -19.00
CA TRP B 117 1.11 -4.81 -18.17
C TRP B 117 0.30 -3.84 -17.31
N PRO B 118 -1.00 -4.06 -17.14
CA PRO B 118 -1.82 -3.07 -16.43
C PRO B 118 -1.38 -2.82 -14.98
N ASP B 119 -0.73 -3.79 -14.33
CA ASP B 119 -0.32 -3.55 -12.94
C ASP B 119 0.71 -2.46 -12.82
N ASP B 120 1.47 -2.18 -13.89
CA ASP B 120 2.62 -1.30 -13.77
C ASP B 120 2.23 0.10 -13.29
N SER B 121 1.16 0.67 -13.88
CA SER B 121 0.64 1.97 -13.44
C SER B 121 0.45 2.04 -11.94
N TYR B 122 0.19 0.91 -11.27
CA TYR B 122 -0.07 0.92 -9.84
C TYR B 122 1.22 1.02 -9.05
N TRP B 123 2.26 0.26 -9.45
CA TRP B 123 3.43 0.16 -8.57
C TRP B 123 4.62 0.99 -9.04
N PHE B 124 4.58 1.48 -10.27
CA PHE B 124 5.63 2.35 -10.77
C PHE B 124 5.81 3.63 -9.94
N PRO B 125 4.77 4.30 -9.44
CA PRO B 125 5.04 5.46 -8.56
C PRO B 125 5.95 5.12 -7.39
N LEU B 126 5.70 3.99 -6.71
CA LEU B 126 6.59 3.59 -5.63
C LEU B 126 8.00 3.34 -6.15
N LEU B 127 8.11 2.68 -7.31
CA LEU B 127 9.42 2.51 -7.94
C LEU B 127 10.10 3.85 -8.16
N LEU B 128 9.38 4.82 -8.73
CA LEU B 128 10.03 6.08 -9.09
C LEU B 128 10.45 6.88 -7.87
N GLN B 129 9.73 6.71 -6.76
CA GLN B 129 10.10 7.37 -5.52
C GLN B 129 11.16 6.61 -4.74
N LYS B 130 11.74 5.55 -5.32
CA LYS B 130 12.78 4.76 -4.66
C LYS B 130 12.25 4.08 -3.41
N LYS B 131 10.98 3.73 -3.41
CA LYS B 131 10.37 3.00 -2.31
C LYS B 131 10.34 1.50 -2.61
N LYS B 132 10.47 0.70 -1.54
CA LYS B 132 10.35 -0.75 -1.62
C LYS B 132 8.91 -1.19 -1.37
N PHE B 133 8.49 -2.24 -2.07
CA PHE B 133 7.09 -2.60 -2.04
C PHE B 133 6.90 -4.10 -2.21
N HIS B 134 5.79 -4.57 -1.66
CA HIS B 134 5.26 -5.89 -1.90
C HIS B 134 3.92 -5.68 -2.57
N GLY B 135 3.71 -6.36 -3.70
CA GLY B 135 2.42 -6.30 -4.36
C GLY B 135 1.82 -7.67 -4.59
N TYR B 136 0.49 -7.70 -4.76
CA TYR B 136 -0.28 -8.86 -5.19
C TYR B 136 -1.30 -8.40 -6.21
N PHE B 137 -1.42 -9.11 -7.34
CA PHE B 137 -2.44 -8.82 -8.34
C PHE B 137 -3.04 -10.13 -8.79
N LYS B 138 -4.38 -10.17 -8.82
CA LYS B 138 -5.12 -11.28 -9.42
C LYS B 138 -5.66 -10.82 -10.76
N PHE B 139 -5.27 -11.52 -11.82
CA PHE B 139 -5.64 -11.21 -13.19
C PHE B 139 -6.67 -12.20 -13.69
N GLN B 140 -7.57 -11.74 -14.56
CA GLN B 140 -8.35 -12.64 -15.39
C GLN B 140 -8.06 -12.29 -16.85
N GLY B 141 -7.47 -13.24 -17.57
CA GLY B 141 -6.88 -12.92 -18.85
C GLY B 141 -5.64 -12.09 -18.59
N GLN B 142 -5.20 -11.36 -19.61
CA GLN B 142 -3.96 -10.59 -19.53
C GLN B 142 -4.20 -9.10 -19.33
N ASP B 143 -5.46 -8.68 -19.28
CA ASP B 143 -5.81 -7.27 -19.26
C ASP B 143 -6.62 -6.82 -18.07
N THR B 144 -7.22 -7.72 -17.30
CA THR B 144 -8.19 -7.37 -16.29
C THR B 144 -7.66 -7.71 -14.91
N ILE B 145 -7.41 -6.69 -14.11
CA ILE B 145 -7.07 -6.87 -12.70
C ILE B 145 -8.36 -6.96 -11.89
N LEU B 146 -8.57 -8.09 -11.22
CA LEU B 146 -9.78 -8.27 -10.43
C LEU B 146 -9.62 -7.77 -9.01
N ASP B 147 -8.48 -8.03 -8.38
CA ASP B 147 -8.18 -7.49 -7.07
C ASP B 147 -6.67 -7.31 -6.92
N TYR B 148 -6.27 -6.46 -5.98
CA TYR B 148 -4.85 -6.22 -5.79
C TYR B 148 -4.58 -5.68 -4.39
N THR B 149 -3.36 -5.90 -3.93
CA THR B 149 -2.82 -5.21 -2.77
C THR B 149 -1.45 -4.67 -3.12
N LEU B 150 -1.09 -3.55 -2.50
CA LEU B 150 0.21 -2.96 -2.74
C LEU B 150 0.62 -2.20 -1.49
N ARG B 151 1.78 -2.54 -0.95
CA ARG B 151 2.19 -1.95 0.31
C ARG B 151 3.65 -1.58 0.22
N GLU B 152 4.00 -0.40 0.73
CA GLU B 152 5.41 -0.08 0.89
C GLU B 152 5.99 -0.92 2.04
N VAL B 153 7.21 -1.41 1.84
CA VAL B 153 7.87 -2.22 2.87
C VAL B 153 9.24 -1.64 3.19
N ASP B 154 9.80 -2.12 4.29
CA ASP B 154 11.19 -1.85 4.65
C ASP B 154 12.11 -3.00 4.28
N THR B 155 11.66 -4.24 4.39
CA THR B 155 12.39 -5.40 3.87
C THR B 155 11.65 -6.00 2.68
N VAL B 156 12.34 -6.14 1.54
CA VAL B 156 11.75 -6.79 0.37
C VAL B 156 11.67 -8.31 0.59
C5 CGX C . -13.24 3.26 9.43
C4 CGX C . -12.35 2.21 9.22
C2 CGX C . -11.37 2.54 11.31
C6 CGX C . -13.16 3.95 10.64
CAA CGX C . -14.01 7.48 11.16
CAB CGX C . -15.51 7.42 11.29
CAC CGX C . -16.03 6.26 10.46
CAD CGX C . -13.35 6.19 11.63
CAF CGX C . -15.45 4.93 11.00
CAJ CGX C . -14.10 3.58 8.35
CAK CGX C . -15.39 2.76 8.30
CAQ CGX C . -12.77 0.42 7.44
CAR CGX C . -13.46 0.74 6.10
CAS CGX C . -14.16 -0.07 7.09
N1 CGX C . -12.23 3.54 11.53
N3 CGX C . -11.41 1.87 10.13
NAE CGX C . -13.96 4.99 11.02
NAO CGX C . -10.51 2.23 12.26
NAP CGX C . -12.47 1.73 8.00
#